data_8DTN
#
_entry.id   8DTN
#
_cell.length_a   54.933
_cell.length_b   54.933
_cell.length_c   408.619
_cell.angle_alpha   90.000
_cell.angle_beta   90.000
_cell.angle_gamma   120.000
#
_symmetry.space_group_name_H-M   'P 31 2 1'
#
loop_
_entity.id
_entity.type
_entity.pdbx_description
1 polymer 'Nanobody 6101'
2 polymer 'B-cell lymphoma/leukemia 11A'
3 non-polymer 'MAGNESIUM ION'
4 non-polymer 'ZINC ION'
5 water water
#
loop_
_entity_poly.entity_id
_entity_poly.type
_entity_poly.pdbx_seq_one_letter_code
_entity_poly.pdbx_strand_id
1 'polypeptide(L)'
;RVQLVESGGGLVQAGGSLRLSCAASGFIFDSYA(MSE)GWYRQAPGKE(MSE)ELVAAITSSGSSTYYADSVKGRFTISR
DNAKNTVYLQ(MSE)NSLKPEDTAVYYCAALDYVIDGYWGQGTQVTVSS
;
A,C,E,G
2 'polypeptide(L)' KDVYKCEICK(MSE)PFSVYSTLEKH(MSE)KKWHSDR B,D,F,H
#
loop_
_chem_comp.id
_chem_comp.type
_chem_comp.name
_chem_comp.formula
MG non-polymer 'MAGNESIUM ION' 'Mg 2'
ZN non-polymer 'ZINC ION' 'Zn 2'
#
# COMPACT_ATOMS: atom_id res chain seq x y z
N ARG A 1 -5.69 -11.47 -19.28
CA ARG A 1 -5.25 -10.06 -19.04
C ARG A 1 -4.40 -10.03 -17.77
N VAL A 2 -3.09 -10.29 -17.90
CA VAL A 2 -2.16 -10.28 -16.74
C VAL A 2 -1.21 -9.09 -16.86
N GLN A 3 -1.52 -7.99 -16.18
CA GLN A 3 -0.70 -6.79 -16.22
C GLN A 3 -0.06 -6.70 -14.84
N LEU A 4 1.26 -6.60 -14.80
CA LEU A 4 2.06 -6.74 -13.59
C LEU A 4 3.10 -5.65 -13.59
N VAL A 5 2.90 -4.64 -12.76
CA VAL A 5 3.76 -3.46 -12.75
C VAL A 5 4.56 -3.51 -11.48
N GLU A 6 5.87 -3.74 -11.61
CA GLU A 6 6.77 -3.83 -10.48
C GLU A 6 7.54 -2.52 -10.34
N SER A 7 7.83 -2.14 -9.10
CA SER A 7 8.50 -0.89 -8.79
C SER A 7 9.24 -1.03 -7.48
N GLY A 8 10.08 -0.03 -7.18
CA GLY A 8 10.72 0.07 -5.90
C GLY A 8 12.18 -0.31 -5.88
N GLY A 9 12.73 -0.76 -7.01
CA GLY A 9 14.13 -1.09 -7.06
C GLY A 9 14.98 0.16 -7.08
N GLY A 10 16.29 -0.05 -7.04
CA GLY A 10 17.23 1.06 -7.07
C GLY A 10 18.61 0.58 -6.65
N LEU A 11 19.47 1.58 -6.47
CA LEU A 11 20.82 1.36 -5.98
C LEU A 11 20.83 1.49 -4.47
N VAL A 12 21.44 0.52 -3.78
CA VAL A 12 21.46 0.53 -2.33
C VAL A 12 22.79 -0.04 -1.86
N GLN A 13 23.18 0.34 -0.65
CA GLN A 13 24.44 -0.12 -0.09
C GLN A 13 24.26 -1.47 0.59
N ALA A 14 25.33 -2.25 0.61
CA ALA A 14 25.30 -3.55 1.28
C ALA A 14 24.93 -3.36 2.75
N GLY A 15 24.07 -4.25 3.25
CA GLY A 15 23.45 -4.09 4.54
C GLY A 15 22.15 -3.33 4.54
N GLY A 16 21.86 -2.56 3.49
CA GLY A 16 20.69 -1.71 3.44
C GLY A 16 19.39 -2.46 3.17
N SER A 17 18.33 -1.67 2.98
CA SER A 17 16.96 -2.15 2.85
C SER A 17 16.30 -1.56 1.61
N LEU A 18 15.31 -2.28 1.09
CA LEU A 18 14.51 -1.84 -0.04
C LEU A 18 13.19 -2.58 0.02
N ARG A 19 12.10 -1.92 -0.39
CA ARG A 19 10.80 -2.58 -0.51
C ARG A 19 10.30 -2.52 -1.94
N LEU A 20 10.05 -3.69 -2.53
CA LEU A 20 9.52 -3.79 -3.88
C LEU A 20 8.01 -3.96 -3.83
N SER A 21 7.32 -3.37 -4.80
CA SER A 21 5.87 -3.51 -4.95
C SER A 21 5.54 -4.02 -6.34
N CYS A 22 4.49 -4.81 -6.43
CA CYS A 22 3.91 -5.21 -7.70
C CYS A 22 2.42 -4.99 -7.63
N ALA A 23 1.90 -4.16 -8.52
CA ALA A 23 0.47 -3.94 -8.71
C ALA A 23 -0.01 -4.85 -9.84
N ALA A 24 -1.05 -5.61 -9.57
CA ALA A 24 -1.55 -6.62 -10.48
C ALA A 24 -2.93 -6.22 -10.97
N SER A 25 -3.18 -6.38 -12.26
CA SER A 25 -4.56 -6.21 -12.70
C SER A 25 -4.84 -7.14 -13.88
N GLY A 26 -6.13 -7.27 -14.15
CA GLY A 26 -6.61 -8.01 -15.29
C GLY A 26 -6.87 -9.48 -15.04
N PHE A 27 -6.78 -9.92 -13.79
CA PHE A 27 -7.13 -11.29 -13.44
C PHE A 27 -7.60 -11.28 -11.99
N ILE A 28 -8.18 -12.40 -11.57
CA ILE A 28 -8.77 -12.44 -10.25
C ILE A 28 -7.64 -12.66 -9.24
N PHE A 29 -7.06 -11.54 -8.80
CA PHE A 29 -5.85 -11.56 -7.99
C PHE A 29 -5.99 -12.46 -6.77
N ASP A 30 -7.14 -12.38 -6.08
CA ASP A 30 -7.40 -13.13 -4.86
C ASP A 30 -7.27 -14.64 -5.04
N SER A 31 -7.35 -15.13 -6.28
CA SER A 31 -7.39 -16.57 -6.51
C SER A 31 -6.02 -17.20 -6.72
N TYR A 32 -4.94 -16.42 -6.75
CA TYR A 32 -3.67 -16.95 -7.22
C TYR A 32 -2.54 -16.69 -6.24
N ALA A 33 -1.76 -17.73 -5.97
CA ALA A 33 -0.48 -17.54 -5.30
C ALA A 33 0.43 -16.71 -6.18
N MSE A 34 1.17 -15.79 -5.56
CA MSE A 34 2.13 -14.96 -6.30
C MSE A 34 3.55 -15.22 -5.87
O MSE A 34 3.81 -15.51 -4.70
CB MSE A 34 1.82 -13.47 -6.11
CG MSE A 34 0.37 -13.08 -6.39
SE MSE A 34 -0.04 -13.09 -8.31
CE MSE A 34 1.24 -11.73 -8.88
N GLY A 35 4.48 -15.07 -6.80
CA GLY A 35 5.90 -15.18 -6.48
C GLY A 35 6.69 -14.00 -6.97
N TRP A 36 7.69 -13.61 -6.18
CA TRP A 36 8.79 -12.75 -6.60
C TRP A 36 9.95 -13.62 -7.05
N TYR A 37 10.41 -13.36 -8.28
CA TYR A 37 11.51 -14.03 -8.98
C TYR A 37 12.61 -13.01 -9.27
N ARG A 38 13.82 -13.49 -9.52
CA ARG A 38 14.88 -12.58 -9.94
C ARG A 38 15.78 -13.26 -10.96
N GLN A 39 16.37 -12.43 -11.82
CA GLN A 39 17.34 -12.90 -12.79
C GLN A 39 18.49 -11.91 -12.83
N ALA A 40 19.68 -12.37 -12.49
CA ALA A 40 20.87 -11.60 -12.75
C ALA A 40 21.28 -11.79 -14.21
N PRO A 41 21.98 -10.82 -14.81
CA PRO A 41 22.38 -11.00 -16.21
C PRO A 41 23.35 -12.18 -16.33
N GLY A 42 23.10 -13.03 -17.33
CA GLY A 42 23.86 -14.24 -17.49
C GLY A 42 23.45 -15.40 -16.62
N LYS A 43 22.50 -15.22 -15.71
CA LYS A 43 22.08 -16.28 -14.80
C LYS A 43 20.63 -16.65 -15.07
N GLU A 44 20.14 -17.63 -14.32
CA GLU A 44 18.82 -18.19 -14.53
C GLU A 44 17.77 -17.46 -13.69
N MSE A 45 16.55 -17.37 -14.22
CA MSE A 45 15.41 -16.89 -13.42
C MSE A 45 15.15 -17.83 -12.24
O MSE A 45 14.91 -19.02 -12.42
CB MSE A 45 14.14 -16.78 -14.29
CG MSE A 45 12.90 -16.24 -13.55
SE MSE A 45 12.91 -14.28 -13.40
CE MSE A 45 12.65 -13.82 -15.31
N GLU A 46 15.17 -17.30 -11.01
CA GLU A 46 14.98 -18.12 -9.83
C GLU A 46 13.89 -17.55 -8.94
N LEU A 47 13.09 -18.44 -8.36
CA LEU A 47 12.05 -18.03 -7.43
C LEU A 47 12.66 -17.56 -6.11
N VAL A 48 12.32 -16.35 -5.70
CA VAL A 48 12.87 -15.75 -4.48
C VAL A 48 11.92 -15.94 -3.30
N ALA A 49 10.63 -15.67 -3.50
CA ALA A 49 9.68 -15.74 -2.40
C ALA A 49 8.29 -15.92 -2.99
N ALA A 50 7.43 -16.63 -2.26
CA ALA A 50 6.07 -16.86 -2.75
C ALA A 50 5.07 -16.78 -1.61
N ILE A 51 3.82 -16.46 -1.96
CA ILE A 51 2.76 -16.31 -0.97
C ILE A 51 1.45 -16.82 -1.56
N THR A 52 0.72 -17.62 -0.77
CA THR A 52 -0.52 -18.21 -1.24
C THR A 52 -1.58 -17.15 -1.45
N SER A 53 -2.69 -17.58 -2.07
CA SER A 53 -3.77 -16.67 -2.45
C SER A 53 -4.24 -15.83 -1.27
N SER A 54 -4.31 -16.43 -0.10
CA SER A 54 -4.82 -15.79 1.11
C SER A 54 -3.72 -15.24 1.99
N GLY A 55 -2.45 -15.45 1.65
CA GLY A 55 -1.38 -15.18 2.57
C GLY A 55 -1.23 -16.20 3.68
N SER A 56 -1.93 -17.33 3.62
CA SER A 56 -1.85 -18.31 4.69
C SER A 56 -0.55 -19.11 4.69
N SER A 57 0.26 -19.03 3.63
CA SER A 57 1.58 -19.64 3.66
C SER A 57 2.54 -18.79 2.83
N THR A 58 3.82 -18.85 3.20
CA THR A 58 4.90 -18.18 2.46
C THR A 58 5.99 -19.19 2.14
N TYR A 59 6.83 -18.85 1.17
CA TYR A 59 8.02 -19.60 0.81
C TYR A 59 9.17 -18.62 0.61
N TYR A 60 10.36 -19.00 1.06
CA TYR A 60 11.56 -18.20 0.87
C TYR A 60 12.70 -19.07 0.39
N ALA A 61 13.43 -18.59 -0.61
CA ALA A 61 14.65 -19.26 -1.01
C ALA A 61 15.62 -19.26 0.18
N ASP A 62 16.45 -20.29 0.24
CA ASP A 62 17.33 -20.45 1.40
C ASP A 62 18.25 -19.25 1.58
N SER A 63 18.70 -18.64 0.48
CA SER A 63 19.65 -17.53 0.56
C SER A 63 19.02 -16.23 1.05
N VAL A 64 17.69 -16.12 1.11
CA VAL A 64 17.06 -14.90 1.58
C VAL A 64 16.28 -15.10 2.86
N LYS A 65 16.14 -16.34 3.34
CA LYS A 65 15.42 -16.59 4.58
C LYS A 65 16.00 -15.72 5.69
N GLY A 66 15.10 -15.04 6.42
CA GLY A 66 15.51 -14.16 7.51
C GLY A 66 15.90 -12.78 7.09
N ARG A 67 15.96 -12.51 5.79
CA ARG A 67 16.24 -11.19 5.26
C ARG A 67 15.09 -10.60 4.46
N PHE A 68 14.35 -11.41 3.70
CA PHE A 68 13.24 -10.95 2.89
C PHE A 68 11.92 -11.34 3.56
N THR A 69 10.91 -10.50 3.37
CA THR A 69 9.55 -10.77 3.83
C THR A 69 8.59 -10.46 2.69
N ILE A 70 7.82 -11.45 2.29
CA ILE A 70 6.82 -11.27 1.24
C ILE A 70 5.46 -11.10 1.90
N SER A 71 4.65 -10.20 1.35
CA SER A 71 3.28 -10.06 1.82
C SER A 71 2.42 -9.62 0.63
N ARG A 72 1.11 -9.60 0.85
CA ARG A 72 0.18 -9.16 -0.18
C ARG A 72 -0.99 -8.43 0.46
N ASP A 73 -1.57 -7.52 -0.30
CA ASP A 73 -2.83 -6.85 0.06
C ASP A 73 -3.82 -7.16 -1.05
N ASN A 74 -4.76 -8.08 -0.77
CA ASN A 74 -5.74 -8.45 -1.77
C ASN A 74 -6.71 -7.31 -2.08
N ALA A 75 -6.82 -6.31 -1.20
CA ALA A 75 -7.72 -5.18 -1.48
C ALA A 75 -7.11 -4.23 -2.49
N LYS A 76 -5.78 -4.09 -2.50
CA LYS A 76 -5.07 -3.25 -3.47
C LYS A 76 -4.55 -4.03 -4.66
N ASN A 77 -4.73 -5.34 -4.70
CA ASN A 77 -4.12 -6.22 -5.70
C ASN A 77 -2.60 -6.01 -5.74
N THR A 78 -1.96 -6.05 -4.57
CA THR A 78 -0.55 -5.73 -4.53
C THR A 78 0.23 -6.81 -3.78
N VAL A 79 1.46 -7.07 -4.25
CA VAL A 79 2.42 -7.95 -3.59
C VAL A 79 3.63 -7.10 -3.19
N TYR A 80 4.15 -7.34 -1.99
CA TYR A 80 5.31 -6.62 -1.48
C TYR A 80 6.43 -7.58 -1.15
N LEU A 81 7.66 -7.12 -1.36
CA LEU A 81 8.87 -7.81 -0.95
C LEU A 81 9.74 -6.82 -0.18
N GLN A 82 9.76 -6.93 1.14
CA GLN A 82 10.69 -6.18 1.97
C GLN A 82 12.02 -6.92 2.00
N MSE A 83 13.09 -6.20 1.74
CA MSE A 83 14.42 -6.79 1.62
C MSE A 83 15.36 -6.05 2.54
O MSE A 83 15.67 -4.88 2.34
CB MSE A 83 14.93 -6.70 0.18
CG MSE A 83 14.10 -7.47 -0.84
SE MSE A 83 14.84 -7.24 -2.68
CE MSE A 83 14.61 -5.44 -2.78
N ASN A 84 15.80 -6.73 3.59
CA ASN A 84 16.72 -6.16 4.56
C ASN A 84 18.08 -6.86 4.45
N SER A 85 19.09 -6.22 5.02
CA SER A 85 20.46 -6.77 5.01
C SER A 85 20.85 -7.23 3.60
N LEU A 86 20.68 -6.34 2.63
CA LEU A 86 20.95 -6.71 1.25
C LEU A 86 22.45 -6.98 1.04
N LYS A 87 22.73 -7.95 0.17
CA LYS A 87 24.08 -8.39 -0.15
C LYS A 87 24.31 -8.23 -1.65
N PRO A 88 25.58 -8.15 -2.09
CA PRO A 88 25.84 -8.04 -3.54
C PRO A 88 25.23 -9.18 -4.34
N GLU A 89 25.14 -10.37 -3.76
CA GLU A 89 24.50 -11.50 -4.42
C GLU A 89 23.02 -11.27 -4.73
N ASP A 90 22.42 -10.21 -4.19
CA ASP A 90 21.01 -9.94 -4.44
C ASP A 90 20.78 -9.04 -5.66
N THR A 91 21.84 -8.62 -6.34
CA THR A 91 21.71 -7.77 -7.50
C THR A 91 21.07 -8.56 -8.64
N ALA A 92 20.01 -8.00 -9.24
CA ALA A 92 19.28 -8.67 -10.31
C ALA A 92 18.07 -7.82 -10.69
N VAL A 93 17.38 -8.23 -11.73
CA VAL A 93 16.05 -7.71 -12.01
C VAL A 93 15.04 -8.61 -11.31
N TYR A 94 14.09 -7.99 -10.61
CA TYR A 94 13.08 -8.71 -9.86
C TYR A 94 11.73 -8.60 -10.56
N TYR A 95 11.02 -9.72 -10.63
CA TYR A 95 9.75 -9.82 -11.33
C TYR A 95 8.72 -10.45 -10.41
N CYS A 96 7.46 -10.11 -10.62
CA CYS A 96 6.39 -10.73 -9.85
C CYS A 96 5.40 -11.40 -10.79
N ALA A 97 4.91 -12.57 -10.41
CA ALA A 97 4.05 -13.31 -11.33
C ALA A 97 3.18 -14.27 -10.55
N ALA A 98 2.08 -14.69 -11.18
CA ALA A 98 1.24 -15.73 -10.60
C ALA A 98 1.90 -17.07 -10.85
N LEU A 99 2.05 -17.85 -9.77
CA LEU A 99 2.72 -19.16 -9.83
C LEU A 99 2.17 -20.02 -10.96
N ASP A 100 0.85 -20.10 -11.06
CA ASP A 100 0.18 -20.92 -12.07
C ASP A 100 0.69 -20.67 -13.47
N TYR A 101 1.09 -19.43 -13.78
CA TYR A 101 1.38 -19.12 -15.18
C TYR A 101 2.85 -18.82 -15.42
N VAL A 102 3.72 -19.10 -14.43
CA VAL A 102 5.14 -18.82 -14.64
C VAL A 102 5.68 -19.61 -15.84
N ILE A 103 5.18 -20.83 -16.03
CA ILE A 103 5.64 -21.69 -17.11
C ILE A 103 5.42 -21.04 -18.48
N ASP A 104 4.45 -20.13 -18.59
CA ASP A 104 4.19 -19.55 -19.90
C ASP A 104 5.11 -18.40 -20.25
N GLY A 105 5.91 -17.90 -19.29
CA GLY A 105 7.01 -17.01 -19.59
C GLY A 105 6.65 -15.59 -19.97
N TYR A 106 5.41 -15.15 -19.77
CA TYR A 106 5.04 -13.75 -19.97
C TYR A 106 5.43 -13.00 -18.70
N TRP A 107 6.48 -12.19 -18.78
CA TRP A 107 6.98 -11.47 -17.62
C TRP A 107 6.73 -9.98 -17.78
N GLY A 108 6.60 -9.29 -16.65
CA GLY A 108 6.52 -7.86 -16.66
C GLY A 108 7.87 -7.24 -16.98
N GLN A 109 7.92 -5.91 -16.82
CA GLN A 109 9.16 -5.17 -17.01
C GLN A 109 10.19 -5.50 -15.93
N GLY A 110 9.73 -5.86 -14.73
CA GLY A 110 10.64 -6.09 -13.62
C GLY A 110 11.17 -4.78 -13.06
N THR A 111 11.98 -4.90 -12.00
CA THR A 111 12.59 -3.77 -11.33
C THR A 111 14.03 -4.10 -10.97
N GLN A 112 14.94 -3.20 -11.32
CA GLN A 112 16.36 -3.42 -11.08
C GLN A 112 16.71 -3.17 -9.62
N VAL A 113 17.46 -4.10 -9.02
CA VAL A 113 18.01 -3.95 -7.69
C VAL A 113 19.52 -4.13 -7.80
N THR A 114 20.28 -3.11 -7.36
CA THR A 114 21.74 -3.16 -7.40
C THR A 114 22.30 -2.89 -6.01
N VAL A 115 23.02 -3.87 -5.48
CA VAL A 115 23.61 -3.79 -4.15
C VAL A 115 25.12 -3.66 -4.33
N SER A 116 25.68 -2.54 -3.91
CA SER A 116 27.11 -2.31 -4.12
C SER A 116 27.91 -2.70 -2.89
N SER A 117 29.17 -3.04 -3.13
CA SER A 117 30.15 -3.42 -2.11
C SER A 117 29.69 -4.64 -1.31
N ASP B 2 21.76 -27.49 -7.50
CA ASP B 2 20.86 -27.83 -8.60
C ASP B 2 19.88 -28.94 -8.23
N VAL B 3 18.65 -28.58 -7.90
CA VAL B 3 17.64 -29.54 -7.46
C VAL B 3 16.47 -29.51 -8.44
N TYR B 4 15.68 -30.59 -8.38
CA TYR B 4 14.41 -30.64 -9.08
C TYR B 4 13.48 -29.58 -8.52
N LYS B 5 12.74 -28.93 -9.40
CA LYS B 5 11.77 -27.89 -8.96
C LYS B 5 10.43 -28.15 -9.64
N CYS B 6 9.37 -27.59 -9.08
CA CYS B 6 8.06 -27.63 -9.71
C CYS B 6 8.22 -27.14 -11.15
N GLU B 7 7.77 -27.97 -12.09
CA GLU B 7 7.87 -27.66 -13.52
C GLU B 7 6.95 -26.54 -13.94
N ILE B 8 6.10 -26.02 -13.03
CA ILE B 8 5.23 -24.88 -13.33
C ILE B 8 5.80 -23.58 -12.77
N CYS B 9 6.10 -23.54 -11.46
CA CYS B 9 6.48 -22.30 -10.80
C CYS B 9 7.96 -22.23 -10.39
N LYS B 10 8.74 -23.28 -10.62
CA LYS B 10 10.17 -23.31 -10.29
C LYS B 10 10.46 -23.32 -8.80
N MSE B 11 9.49 -23.67 -7.96
CA MSE B 11 9.77 -23.80 -6.53
C MSE B 11 10.54 -25.10 -6.29
O MSE B 11 10.10 -26.15 -6.75
CB MSE B 11 8.49 -23.78 -5.69
CG MSE B 11 8.73 -23.98 -4.19
SE MSE B 11 7.10 -23.86 -3.13
CE MSE B 11 6.50 -22.07 -3.60
N PRO B 12 11.67 -25.04 -5.57
CA PRO B 12 12.46 -26.25 -5.34
C PRO B 12 11.70 -27.29 -4.52
N PHE B 13 11.86 -28.55 -4.91
CA PHE B 13 11.34 -29.68 -4.16
C PHE B 13 12.44 -30.28 -3.29
N SER B 14 12.06 -30.73 -2.11
CA SER B 14 12.95 -31.47 -1.19
C SER B 14 12.44 -32.90 -1.02
N VAL B 15 13.07 -33.64 -0.10
CA VAL B 15 12.65 -35.01 0.16
C VAL B 15 11.24 -35.03 0.73
N TYR B 16 10.83 -33.95 1.39
CA TYR B 16 9.51 -33.84 2.01
C TYR B 16 8.40 -33.40 1.06
N SER B 17 8.73 -32.77 -0.07
CA SER B 17 7.71 -32.30 -1.00
C SER B 17 6.92 -33.47 -1.57
N THR B 18 5.64 -33.23 -1.83
CA THR B 18 4.83 -34.12 -2.64
C THR B 18 4.07 -33.28 -3.65
N LEU B 19 3.78 -33.88 -4.80
CA LEU B 19 3.03 -33.17 -5.84
C LEU B 19 1.67 -32.73 -5.32
N GLU B 20 0.93 -33.65 -4.67
CA GLU B 20 -0.39 -33.31 -4.15
C GLU B 20 -0.33 -32.12 -3.19
N LYS B 21 0.60 -32.16 -2.23
CA LYS B 21 0.67 -31.06 -1.28
C LYS B 21 1.07 -29.76 -1.97
N HIS B 22 2.03 -29.82 -2.89
CA HIS B 22 2.47 -28.60 -3.58
C HIS B 22 1.34 -28.00 -4.39
N MSE B 23 0.67 -28.81 -5.20
CA MSE B 23 -0.45 -28.35 -6.02
C MSE B 23 -1.58 -27.76 -5.18
O MSE B 23 -2.13 -26.72 -5.50
CB MSE B 23 -0.99 -29.50 -6.88
CG MSE B 23 0.02 -30.08 -7.86
SE MSE B 23 0.73 -28.72 -9.06
CE MSE B 23 -0.93 -28.11 -9.76
N LYS B 24 -1.91 -28.44 -4.07
CA LYS B 24 -3.00 -27.97 -3.21
C LYS B 24 -2.66 -26.63 -2.57
N LYS B 25 -1.44 -26.48 -2.09
CA LYS B 25 -1.09 -25.25 -1.40
C LYS B 25 -0.87 -24.08 -2.36
N TRP B 26 -0.20 -24.31 -3.48
CA TRP B 26 0.38 -23.23 -4.27
C TRP B 26 -0.27 -23.00 -5.63
N HIS B 27 -1.05 -23.93 -6.15
CA HIS B 27 -1.61 -23.75 -7.47
C HIS B 27 -3.13 -23.71 -7.42
N SER B 28 -3.74 -23.04 -8.41
CA SER B 28 -5.19 -22.83 -8.45
C SER B 28 -5.82 -23.43 -9.70
N ASP B 29 -5.31 -23.08 -10.88
CA ASP B 29 -5.88 -23.55 -12.13
C ASP B 29 -5.26 -24.86 -12.61
N ARG B 30 -4.17 -25.30 -12.00
CA ARG B 30 -3.48 -26.52 -12.41
C ARG B 30 -3.67 -27.60 -11.35
N ARG C 1 10.77 -5.98 37.33
CA ARG C 1 11.74 -5.75 36.22
C ARG C 1 10.97 -5.50 34.92
N VAL C 2 10.35 -6.54 34.36
CA VAL C 2 9.58 -6.42 33.12
C VAL C 2 8.27 -5.66 33.34
N GLN C 3 8.07 -4.60 32.54
CA GLN C 3 6.79 -3.92 32.47
C GLN C 3 6.33 -3.90 31.00
N LEU C 4 5.08 -4.31 30.78
CA LEU C 4 4.50 -4.36 29.46
C LEU C 4 3.12 -3.74 29.51
N VAL C 5 2.88 -2.75 28.65
CA VAL C 5 1.62 -2.02 28.64
C VAL C 5 1.03 -2.18 27.25
N GLU C 6 -0.06 -2.95 27.17
CA GLU C 6 -0.76 -3.17 25.92
C GLU C 6 -1.87 -2.15 25.74
N SER C 7 -2.14 -1.81 24.48
CA SER C 7 -3.29 -0.96 24.19
C SER C 7 -3.70 -1.18 22.74
N GLY C 8 -4.80 -0.54 22.35
CA GLY C 8 -5.34 -0.62 21.01
C GLY C 8 -6.54 -1.52 20.85
N GLY C 9 -6.87 -2.34 21.85
CA GLY C 9 -8.03 -3.20 21.72
C GLY C 9 -9.32 -2.41 21.77
N GLY C 10 -10.40 -3.05 21.33
CA GLY C 10 -11.69 -2.39 21.33
C GLY C 10 -12.70 -3.24 20.59
N LEU C 11 -13.90 -2.69 20.44
CA LEU C 11 -14.97 -3.34 19.68
C LEU C 11 -14.80 -3.06 18.19
N VAL C 12 -14.96 -4.11 17.38
CA VAL C 12 -14.79 -3.97 15.94
C VAL C 12 -15.71 -4.98 15.28
N GLN C 13 -16.19 -4.62 14.08
CA GLN C 13 -17.05 -5.50 13.29
C GLN C 13 -16.23 -6.52 12.54
N ALA C 14 -16.80 -7.70 12.36
CA ALA C 14 -16.13 -8.72 11.57
C ALA C 14 -15.76 -8.16 10.20
N GLY C 15 -14.58 -8.53 9.72
CA GLY C 15 -14.01 -7.95 8.53
C GLY C 15 -13.13 -6.75 8.79
N GLY C 16 -13.25 -6.12 9.95
CA GLY C 16 -12.51 -4.91 10.24
C GLY C 16 -11.07 -5.17 10.65
N SER C 17 -10.38 -4.08 10.99
CA SER C 17 -8.98 -4.11 11.37
C SER C 17 -8.77 -3.38 12.69
N LEU C 18 -7.78 -3.84 13.44
CA LEU C 18 -7.35 -3.19 14.67
C LEU C 18 -5.84 -3.29 14.75
N ARG C 19 -5.21 -2.27 15.29
CA ARG C 19 -3.77 -2.28 15.45
C ARG C 19 -3.44 -2.19 16.94
N LEU C 20 -2.81 -3.22 17.47
CA LEU C 20 -2.44 -3.30 18.87
C LEU C 20 -1.00 -2.86 19.06
N SER C 21 -0.73 -2.25 20.20
CA SER C 21 0.63 -1.84 20.52
C SER C 21 0.98 -2.25 21.94
N CYS C 22 2.28 -2.32 22.20
CA CYS C 22 2.78 -2.65 23.52
C CYS C 22 4.04 -1.85 23.74
N ALA C 23 4.07 -1.14 24.88
CA ALA C 23 5.27 -0.43 25.35
C ALA C 23 5.96 -1.29 26.39
N ALA C 24 7.26 -1.50 26.20
CA ALA C 24 8.06 -2.42 27.00
C ALA C 24 9.13 -1.64 27.74
N SER C 25 9.34 -1.99 29.00
CA SER C 25 10.43 -1.39 29.74
C SER C 25 10.88 -2.35 30.83
N GLY C 26 11.98 -2.01 31.49
CA GLY C 26 12.47 -2.81 32.58
C GLY C 26 13.41 -3.94 32.18
N PHE C 27 13.69 -4.12 30.89
CA PHE C 27 14.62 -5.14 30.46
C PHE C 27 15.27 -4.71 29.15
N ILE C 28 16.29 -5.46 28.74
CA ILE C 28 17.01 -5.11 27.51
C ILE C 28 16.16 -5.62 26.34
N PHE C 29 15.33 -4.74 25.79
CA PHE C 29 14.30 -5.14 24.84
C PHE C 29 14.88 -5.84 23.62
N ASP C 30 15.93 -5.27 23.03
CA ASP C 30 16.39 -5.86 21.76
C ASP C 30 17.13 -7.15 21.96
N SER C 31 17.14 -7.67 23.18
CA SER C 31 17.77 -8.94 23.50
C SER C 31 16.80 -10.11 23.51
N TYR C 32 15.49 -9.87 23.35
CA TYR C 32 14.49 -10.90 23.57
C TYR C 32 13.52 -10.99 22.41
N ALA C 33 13.21 -12.22 22.01
CA ALA C 33 12.05 -12.43 21.15
C ALA C 33 10.79 -12.02 21.89
N MSE C 34 9.84 -11.40 21.17
CA MSE C 34 8.58 -11.00 21.77
C MSE C 34 7.43 -11.76 21.13
O MSE C 34 7.57 -12.21 20.00
CB MSE C 34 8.32 -9.49 21.61
CG MSE C 34 9.41 -8.57 22.14
SE MSE C 34 9.49 -8.67 24.08
CE MSE C 34 7.69 -8.07 24.49
N GLY C 35 6.31 -11.88 21.82
CA GLY C 35 5.14 -12.52 21.24
C GLY C 35 3.84 -11.94 21.78
N TRP C 36 2.81 -12.03 20.93
CA TRP C 36 1.43 -11.72 21.27
C TRP C 36 0.66 -13.02 21.49
N TYR C 37 0.03 -13.11 22.66
CA TYR C 37 -0.79 -14.19 23.16
C TYR C 37 -2.22 -13.68 23.31
N ARG C 38 -3.18 -14.60 23.33
CA ARG C 38 -4.56 -14.21 23.54
C ARG C 38 -5.23 -15.26 24.42
N GLN C 39 -6.13 -14.77 25.26
CA GLN C 39 -6.80 -15.57 26.28
C GLN C 39 -8.26 -15.18 26.24
N ALA C 40 -9.09 -16.13 25.86
CA ALA C 40 -10.53 -15.95 25.96
C ALA C 40 -11.03 -16.70 27.19
N PRO C 41 -12.08 -16.25 27.85
CA PRO C 41 -12.42 -16.84 29.16
C PRO C 41 -12.83 -18.29 29.00
N GLY C 42 -12.21 -19.16 29.81
CA GLY C 42 -12.50 -20.57 29.80
C GLY C 42 -11.87 -21.34 28.67
N LYS C 43 -11.00 -20.72 27.87
CA LYS C 43 -10.29 -21.37 26.79
C LYS C 43 -8.80 -21.42 27.10
N GLU C 44 -8.06 -22.11 26.23
CA GLU C 44 -6.61 -22.22 26.35
C GLU C 44 -5.95 -20.97 25.78
N MSE C 45 -4.95 -20.45 26.48
CA MSE C 45 -4.18 -19.36 25.93
C MSE C 45 -3.52 -19.84 24.66
O MSE C 45 -3.19 -21.02 24.55
CB MSE C 45 -3.12 -18.87 26.93
CG MSE C 45 -2.24 -17.79 26.33
SE MSE C 45 -0.93 -17.05 27.54
CE MSE C 45 -1.86 -15.46 28.16
N GLU C 46 -3.37 -18.95 23.68
CA GLU C 46 -2.77 -19.27 22.39
C GLU C 46 -1.72 -18.22 22.07
N LEU C 47 -0.55 -18.67 21.59
CA LEU C 47 0.44 -17.75 21.04
C LEU C 47 0.01 -17.39 19.62
N VAL C 48 -0.26 -16.10 19.39
CA VAL C 48 -0.78 -15.65 18.12
C VAL C 48 0.35 -15.30 17.16
N ALA C 49 1.39 -14.65 17.66
CA ALA C 49 2.49 -14.28 16.78
C ALA C 49 3.72 -14.02 17.63
N ALA C 50 4.89 -14.25 17.05
CA ALA C 50 6.15 -14.00 17.73
C ALA C 50 7.14 -13.44 16.73
N ILE C 51 8.11 -12.68 17.22
CA ILE C 51 9.13 -12.09 16.37
C ILE C 51 10.47 -12.15 17.12
N THR C 52 11.53 -12.50 16.39
CA THR C 52 12.82 -12.68 17.06
C THR C 52 13.38 -11.32 17.48
N SER C 53 14.41 -11.40 18.34
CA SER C 53 14.93 -10.20 18.98
C SER C 53 15.27 -9.11 17.98
N SER C 54 15.92 -9.49 16.89
CA SER C 54 16.29 -8.56 15.83
C SER C 54 15.15 -8.28 14.87
N GLY C 55 14.05 -9.01 14.95
CA GLY C 55 12.97 -8.85 14.00
C GLY C 55 13.14 -9.62 12.70
N SER C 56 14.22 -10.38 12.55
CA SER C 56 14.48 -11.04 11.28
C SER C 56 13.45 -12.13 10.97
N SER C 57 12.98 -12.87 11.98
CA SER C 57 12.03 -13.96 11.75
C SER C 57 10.80 -13.83 12.64
N THR C 58 9.70 -14.43 12.15
CA THR C 58 8.40 -14.38 12.79
C THR C 58 7.82 -15.79 12.91
N TYR C 59 6.82 -15.91 13.77
CA TYR C 59 5.92 -17.05 13.85
C TYR C 59 4.50 -16.52 13.90
N TYR C 60 3.58 -17.22 13.23
CA TYR C 60 2.17 -16.89 13.29
C TYR C 60 1.40 -18.19 13.48
N ALA C 61 0.42 -18.16 14.37
CA ALA C 61 -0.51 -19.28 14.44
C ALA C 61 -1.15 -19.46 13.06
N ASP C 62 -1.38 -20.73 12.70
CA ASP C 62 -1.90 -21.04 11.38
C ASP C 62 -3.15 -20.24 11.06
N SER C 63 -4.02 -20.04 12.06
CA SER C 63 -5.32 -19.43 11.87
C SER C 63 -5.27 -17.92 11.72
N VAL C 64 -4.13 -17.28 11.94
CA VAL C 64 -4.01 -15.84 11.74
C VAL C 64 -3.04 -15.47 10.64
N LYS C 65 -2.32 -16.43 10.06
CA LYS C 65 -1.29 -16.11 9.08
C LYS C 65 -1.94 -15.53 7.83
N GLY C 66 -1.37 -14.43 7.33
CA GLY C 66 -1.97 -13.68 6.25
C GLY C 66 -2.99 -12.64 6.68
N ARG C 67 -3.45 -12.69 7.93
CA ARG C 67 -4.33 -11.65 8.46
C ARG C 67 -3.66 -10.78 9.52
N PHE C 68 -2.75 -11.36 10.31
CA PHE C 68 -2.06 -10.64 11.38
C PHE C 68 -0.61 -10.42 10.98
N THR C 69 -0.05 -9.31 11.43
CA THR C 69 1.34 -8.96 11.15
C THR C 69 1.94 -8.44 12.45
N ILE C 70 2.99 -9.08 12.93
CA ILE C 70 3.67 -8.60 14.13
C ILE C 70 4.92 -7.84 13.70
N SER C 71 5.24 -6.76 14.41
CA SER C 71 6.47 -6.02 14.13
C SER C 71 6.97 -5.43 15.43
N ARG C 72 8.19 -4.87 15.39
CA ARG C 72 8.81 -4.32 16.58
C ARG C 72 9.72 -3.17 16.21
N ASP C 73 9.91 -2.27 17.16
CA ASP C 73 10.80 -1.12 17.03
C ASP C 73 11.77 -1.18 18.19
N ASN C 74 13.01 -1.65 17.91
CA ASN C 74 14.02 -1.83 18.94
C ASN C 74 14.60 -0.52 19.43
N ALA C 75 14.40 0.56 18.67
CA ALA C 75 14.81 1.88 19.11
C ALA C 75 13.80 2.48 20.08
N LYS C 76 12.52 2.14 19.93
CA LYS C 76 11.46 2.70 20.75
C LYS C 76 10.89 1.70 21.75
N ASN C 77 11.45 0.50 21.81
CA ASN C 77 11.00 -0.56 22.73
C ASN C 77 9.51 -0.83 22.58
N THR C 78 9.05 -1.01 21.34
CA THR C 78 7.62 -1.24 21.15
C THR C 78 7.38 -2.45 20.26
N VAL C 79 6.20 -3.07 20.44
CA VAL C 79 5.74 -4.19 19.62
C VAL C 79 4.35 -3.84 19.10
N TYR C 80 4.06 -4.27 17.86
CA TYR C 80 2.77 -3.99 17.23
C TYR C 80 2.18 -5.24 16.62
N LEU C 81 0.86 -5.31 16.64
CA LEU C 81 0.11 -6.41 16.02
C LEU C 81 -0.98 -5.80 15.14
N GLN C 82 -0.81 -5.86 13.82
CA GLN C 82 -1.83 -5.43 12.88
C GLN C 82 -2.76 -6.60 12.60
N MSE C 83 -4.05 -6.42 12.87
CA MSE C 83 -5.03 -7.48 12.73
C MSE C 83 -6.07 -7.09 11.70
O MSE C 83 -6.87 -6.16 11.93
CB MSE C 83 -5.70 -7.78 14.06
CG MSE C 83 -4.75 -8.31 15.14
SE MSE C 83 -5.71 -8.57 16.82
CE MSE C 83 -6.43 -6.80 17.03
N ASN C 84 -6.06 -7.78 10.56
CA ASN C 84 -6.97 -7.53 9.46
C ASN C 84 -7.99 -8.66 9.37
N SER C 85 -9.09 -8.38 8.65
CA SER C 85 -10.24 -9.27 8.50
C SER C 85 -10.53 -10.06 9.77
N LEU C 86 -10.83 -9.34 10.84
CA LEU C 86 -11.10 -9.96 12.13
C LEU C 86 -12.39 -10.77 12.08
N LYS C 87 -12.40 -11.84 12.85
CA LYS C 87 -13.52 -12.78 12.94
C LYS C 87 -13.92 -12.92 14.39
N PRO C 88 -15.14 -13.40 14.69
CA PRO C 88 -15.52 -13.65 16.08
C PRO C 88 -14.55 -14.54 16.83
N GLU C 89 -13.97 -15.54 16.18
CA GLU C 89 -12.97 -16.39 16.82
C GLU C 89 -11.75 -15.61 17.34
N ASP C 90 -11.57 -14.36 16.93
CA ASP C 90 -10.45 -13.54 17.40
C ASP C 90 -10.73 -12.82 18.71
N THR C 91 -11.95 -12.91 19.23
CA THR C 91 -12.32 -12.20 20.45
C THR C 91 -11.56 -12.78 21.64
N ALA C 92 -10.85 -11.92 22.38
CA ALA C 92 -10.04 -12.38 23.50
C ALA C 92 -9.36 -11.17 24.12
N VAL C 93 -8.73 -11.39 25.27
CA VAL C 93 -7.75 -10.46 25.80
C VAL C 93 -6.41 -10.77 25.16
N TYR C 94 -5.71 -9.75 24.68
CA TYR C 94 -4.42 -9.92 24.03
C TYR C 94 -3.32 -9.39 24.94
N TYR C 95 -2.22 -10.15 25.00
CA TYR C 95 -1.08 -9.85 25.85
C TYR C 95 0.18 -9.91 25.02
N CYS C 96 1.15 -9.08 25.38
CA CYS C 96 2.47 -9.11 24.76
C CYS C 96 3.48 -9.44 25.86
N ALA C 97 4.43 -10.30 25.54
CA ALA C 97 5.39 -10.79 26.53
C ALA C 97 6.69 -11.15 25.85
N ALA C 98 7.80 -11.06 26.60
CA ALA C 98 9.03 -11.69 26.15
C ALA C 98 8.91 -13.20 26.29
N LEU C 99 9.22 -13.91 25.20
CA LEU C 99 9.05 -15.36 25.16
C LEU C 99 9.73 -16.08 26.35
N ASP C 100 10.97 -15.69 26.67
CA ASP C 100 11.72 -16.34 27.73
C ASP C 100 10.96 -16.43 29.04
N TYR C 101 10.11 -15.45 29.33
CA TYR C 101 9.49 -15.31 30.64
C TYR C 101 8.00 -15.64 30.62
N VAL C 102 7.49 -16.17 29.51
CA VAL C 102 6.06 -16.48 29.45
C VAL C 102 5.67 -17.45 30.58
N ILE C 103 6.56 -18.38 30.92
CA ILE C 103 6.23 -19.38 31.93
C ILE C 103 6.20 -18.79 33.34
N ASP C 104 6.78 -17.62 33.55
CA ASP C 104 6.90 -17.06 34.90
C ASP C 104 5.65 -16.31 35.36
N GLY C 105 4.62 -16.21 34.52
CA GLY C 105 3.32 -15.77 34.99
C GLY C 105 3.18 -14.31 35.38
N TYR C 106 4.17 -13.46 35.12
CA TYR C 106 3.89 -12.02 35.17
C TYR C 106 3.31 -11.61 33.82
N TRP C 107 2.17 -10.95 33.84
CA TRP C 107 1.56 -10.44 32.63
C TRP C 107 1.18 -8.99 32.83
N GLY C 108 1.27 -8.21 31.76
CA GLY C 108 0.66 -6.90 31.72
C GLY C 108 -0.85 -7.02 31.81
N GLN C 109 -1.51 -5.87 31.81
CA GLN C 109 -2.96 -5.86 31.94
C GLN C 109 -3.65 -6.42 30.70
N GLY C 110 -3.00 -6.41 29.55
CA GLY C 110 -3.62 -6.86 28.33
C GLY C 110 -4.58 -5.83 27.76
N THR C 111 -5.13 -6.14 26.59
CA THR C 111 -6.08 -5.24 25.96
C THR C 111 -7.16 -6.09 25.34
N GLN C 112 -8.42 -5.73 25.58
CA GLN C 112 -9.55 -6.55 25.15
C GLN C 112 -9.89 -6.27 23.70
N VAL C 113 -10.14 -7.34 22.94
CA VAL C 113 -10.56 -7.25 21.55
C VAL C 113 -11.85 -8.04 21.42
N THR C 114 -12.90 -7.38 20.92
CA THR C 114 -14.20 -8.00 20.74
C THR C 114 -14.63 -7.78 19.30
N VAL C 115 -14.86 -8.88 18.58
CA VAL C 115 -15.24 -8.83 17.18
C VAL C 115 -16.69 -9.25 17.07
N SER C 116 -17.57 -8.29 16.76
CA SER C 116 -18.96 -8.62 16.49
C SER C 116 -19.12 -9.15 15.08
N SER C 117 -20.10 -10.03 14.91
CA SER C 117 -20.40 -10.56 13.59
C SER C 117 -21.72 -9.99 13.06
N ASP D 2 -4.06 -29.60 21.46
CA ASP D 2 -3.91 -31.04 21.19
C ASP D 2 -2.46 -31.48 20.92
N VAL D 3 -1.61 -30.57 20.43
CA VAL D 3 -0.22 -30.87 20.15
C VAL D 3 0.66 -30.35 21.28
N TYR D 4 1.86 -30.92 21.36
CA TYR D 4 2.85 -30.46 22.31
C TYR D 4 3.37 -29.08 21.91
N LYS D 5 3.66 -28.24 22.90
CA LYS D 5 4.12 -26.87 22.71
C LYS D 5 5.38 -26.66 23.53
N CYS D 6 6.25 -25.75 23.07
CA CYS D 6 7.37 -25.33 23.91
C CYS D 6 6.83 -24.99 25.30
N GLU D 7 7.48 -25.55 26.31
CA GLU D 7 7.00 -25.34 27.67
C GLU D 7 7.40 -23.99 28.21
N ILE D 8 8.20 -23.22 27.47
CA ILE D 8 8.57 -21.88 27.89
C ILE D 8 7.61 -20.88 27.26
N CYS D 9 7.52 -20.88 25.92
CA CYS D 9 6.77 -19.84 25.22
C CYS D 9 5.46 -20.29 24.60
N LYS D 10 5.12 -21.58 24.68
CA LYS D 10 3.85 -22.13 24.19
C LYS D 10 3.78 -22.19 22.66
N MSE D 11 4.89 -22.08 21.96
CA MSE D 11 4.86 -22.26 20.50
C MSE D 11 4.68 -23.75 20.16
O MSE D 11 5.40 -24.59 20.67
CB MSE D 11 6.17 -21.75 19.86
CG MSE D 11 6.19 -21.84 18.34
SE MSE D 11 7.78 -20.99 17.60
CE MSE D 11 7.65 -19.20 18.27
N PRO D 12 3.71 -24.07 19.32
CA PRO D 12 3.47 -25.48 18.98
C PRO D 12 4.66 -26.10 18.27
N PHE D 13 4.94 -27.38 18.60
CA PHE D 13 5.98 -28.15 17.93
C PHE D 13 5.32 -29.04 16.89
N SER D 14 6.03 -29.28 15.79
CA SER D 14 5.62 -30.25 14.79
C SER D 14 6.65 -31.38 14.75
N VAL D 15 6.45 -32.34 13.85
CA VAL D 15 7.38 -33.46 13.71
C VAL D 15 8.79 -32.99 13.37
N TYR D 16 8.93 -31.82 12.74
CA TYR D 16 10.24 -31.29 12.38
C TYR D 16 10.88 -30.44 13.48
N SER D 17 10.15 -30.10 14.53
CA SER D 17 10.73 -29.26 15.56
C SER D 17 11.81 -30.03 16.32
N THR D 18 12.85 -29.31 16.75
CA THR D 18 13.79 -29.86 17.71
C THR D 18 14.01 -28.84 18.81
N LEU D 19 14.28 -29.35 20.01
CA LEU D 19 14.56 -28.48 21.14
C LEU D 19 15.72 -27.54 20.84
N GLU D 20 16.80 -28.06 20.26
CA GLU D 20 17.97 -27.21 20.02
C GLU D 20 17.66 -26.09 19.04
N LYS D 21 17.03 -26.42 17.91
CA LYS D 21 16.71 -25.39 16.93
C LYS D 21 15.78 -24.35 17.52
N HIS D 22 14.73 -24.81 18.22
CA HIS D 22 13.78 -23.88 18.81
C HIS D 22 14.45 -22.94 19.79
N MSE D 23 15.21 -23.49 20.74
CA MSE D 23 15.95 -22.71 21.73
C MSE D 23 16.87 -21.71 21.09
O MSE D 23 16.96 -20.56 21.52
CB MSE D 23 16.77 -23.62 22.66
CG MSE D 23 15.96 -24.53 23.58
SE MSE D 23 14.68 -23.56 24.70
CE MSE D 23 15.89 -22.59 25.86
N LYS D 24 17.59 -22.13 20.05
CA LYS D 24 18.54 -21.20 19.46
C LYS D 24 17.81 -20.07 18.73
N LYS D 25 16.70 -20.38 18.07
CA LYS D 25 16.02 -19.34 17.30
C LYS D 25 15.24 -18.37 18.19
N TRP D 26 14.57 -18.89 19.23
CA TRP D 26 13.54 -18.15 19.92
C TRP D 26 13.90 -17.75 21.34
N HIS D 27 14.89 -18.40 21.95
CA HIS D 27 15.25 -18.14 23.33
C HIS D 27 16.71 -17.70 23.45
N SER D 28 17.31 -17.30 22.35
CA SER D 28 18.72 -16.93 22.30
C SER D 28 18.88 -15.55 21.67
N ASP D 29 20.07 -15.00 21.85
CA ASP D 29 20.28 -13.58 21.49
C ASP D 29 20.85 -13.48 20.06
N ARG E 1 -6.41 7.45 24.22
CA ARG E 1 -6.46 6.06 23.71
C ARG E 1 -6.06 6.06 22.23
N VAL E 2 -5.58 7.20 21.73
CA VAL E 2 -5.17 7.31 20.33
C VAL E 2 -3.65 7.40 20.25
N GLN E 3 -3.05 6.64 19.33
CA GLN E 3 -1.60 6.67 19.12
C GLN E 3 -1.28 6.82 17.65
N LEU E 4 -0.32 7.69 17.35
CA LEU E 4 0.03 8.06 15.98
C LEU E 4 1.55 8.04 15.87
N VAL E 5 2.10 7.06 15.15
CA VAL E 5 3.53 6.84 15.04
C VAL E 5 3.97 7.34 13.68
N GLU E 6 4.65 8.49 13.65
CA GLU E 6 5.04 9.16 12.42
C GLU E 6 6.53 8.99 12.17
N SER E 7 6.91 8.82 10.91
CA SER E 7 8.31 8.64 10.54
C SER E 7 8.48 8.97 9.06
N GLY E 8 9.72 8.89 8.59
CA GLY E 8 10.06 9.15 7.20
C GLY E 8 10.69 10.50 6.94
N GLY E 9 10.73 11.39 7.93
CA GLY E 9 11.32 12.69 7.75
C GLY E 9 12.83 12.59 7.62
N GLY E 10 13.46 13.75 7.43
CA GLY E 10 14.89 13.80 7.34
C GLY E 10 15.37 15.11 6.73
N LEU E 11 16.69 15.14 6.48
CA LEU E 11 17.34 16.26 5.83
C LEU E 11 17.54 15.90 4.37
N VAL E 12 17.09 16.78 3.48
CA VAL E 12 17.13 16.50 2.05
C VAL E 12 17.39 17.81 1.32
N GLN E 13 17.96 17.70 0.12
CA GLN E 13 18.25 18.88 -0.69
C GLN E 13 17.03 19.27 -1.52
N ALA E 14 16.95 20.56 -1.85
CA ALA E 14 15.88 21.04 -2.71
C ALA E 14 15.82 20.21 -3.99
N GLY E 15 14.61 19.86 -4.40
CA GLY E 15 14.40 18.97 -5.51
C GLY E 15 14.33 17.50 -5.14
N GLY E 16 14.77 17.14 -3.95
CA GLY E 16 14.74 15.76 -3.51
C GLY E 16 13.35 15.30 -3.13
N SER E 17 13.29 14.10 -2.52
CA SER E 17 12.05 13.43 -2.16
C SER E 17 12.12 12.87 -0.75
N LEU E 18 10.95 12.73 -0.14
CA LEU E 18 10.80 12.01 1.11
C LEU E 18 9.44 11.33 1.10
N ARG E 19 9.30 10.30 1.92
CA ARG E 19 8.02 9.62 2.09
C ARG E 19 7.75 9.52 3.57
N LEU E 20 6.76 10.26 4.04
CA LEU E 20 6.34 10.19 5.42
C LEU E 20 5.28 9.10 5.57
N SER E 21 5.26 8.50 6.75
CA SER E 21 4.26 7.50 7.09
C SER E 21 3.78 7.75 8.51
N CYS E 22 2.52 7.45 8.75
CA CYS E 22 1.95 7.47 10.10
C CYS E 22 1.13 6.20 10.29
N ALA E 23 1.54 5.35 11.23
CA ALA E 23 0.75 4.19 11.62
C ALA E 23 -0.09 4.57 12.84
N ALA E 24 -1.40 4.32 12.76
CA ALA E 24 -2.34 4.75 13.77
C ALA E 24 -2.99 3.57 14.50
N SER E 25 -3.28 3.77 15.77
CA SER E 25 -4.06 2.81 16.54
C SER E 25 -4.89 3.54 17.59
N GLY E 26 -5.81 2.80 18.20
CA GLY E 26 -6.70 3.36 19.21
C GLY E 26 -8.02 3.87 18.70
N PHE E 27 -8.30 3.69 17.41
CA PHE E 27 -9.60 4.01 16.84
C PHE E 27 -9.78 3.12 15.60
N ILE E 28 -10.99 3.11 15.05
CA ILE E 28 -11.25 2.36 13.83
C ILE E 28 -10.74 3.17 12.63
N PHE E 29 -9.51 2.88 12.21
CA PHE E 29 -8.80 3.68 11.20
C PHE E 29 -9.66 3.93 9.97
N ASP E 30 -10.25 2.88 9.40
CA ASP E 30 -10.89 3.08 8.10
C ASP E 30 -12.17 3.90 8.17
N SER E 31 -12.63 4.29 9.36
CA SER E 31 -13.81 5.12 9.50
C SER E 31 -13.53 6.61 9.39
N TYR E 32 -12.27 7.03 9.34
CA TYR E 32 -11.94 8.44 9.51
C TYR E 32 -11.07 8.95 8.37
N ALA E 33 -11.42 10.15 7.89
CA ALA E 33 -10.50 10.90 7.04
C ALA E 33 -9.25 11.27 7.83
N MSE E 34 -8.12 11.30 7.12
CA MSE E 34 -6.84 11.59 7.76
C MSE E 34 -6.16 12.77 7.08
O MSE E 34 -6.29 12.94 5.86
CB MSE E 34 -5.91 10.38 7.72
CG MSE E 34 -6.51 9.11 8.34
SE MSE E 34 -6.70 9.22 10.28
CE MSE E 34 -4.85 9.52 10.81
N GLY E 35 -5.43 13.55 7.85
CA GLY E 35 -4.76 14.71 7.32
C GLY E 35 -3.31 14.75 7.76
N TRP E 36 -2.45 15.17 6.84
CA TRP E 36 -1.09 15.61 7.14
C TRP E 36 -1.08 17.12 7.25
N TYR E 37 -0.57 17.60 8.38
CA TYR E 37 -0.39 18.98 8.74
C TYR E 37 1.10 19.26 8.88
N ARG E 38 1.51 20.50 8.65
CA ARG E 38 2.88 20.88 8.97
C ARG E 38 2.90 22.07 9.90
N GLN E 39 3.90 22.11 10.76
CA GLN E 39 4.09 23.17 11.74
C GLN E 39 5.54 23.60 11.67
N ALA E 40 5.77 24.79 11.23
CA ALA E 40 7.08 25.41 11.18
C ALA E 40 7.24 26.35 12.36
N PRO E 41 8.45 26.55 12.87
CA PRO E 41 8.61 27.40 14.06
C PRO E 41 8.09 28.81 13.80
N GLY E 42 7.17 29.25 14.66
CA GLY E 42 6.61 30.59 14.62
C GLY E 42 5.62 30.89 13.51
N LYS E 43 5.02 29.89 12.88
CA LYS E 43 4.08 30.11 11.78
C LYS E 43 2.75 29.44 12.09
N GLU E 44 1.74 29.80 11.30
CA GLU E 44 0.45 29.14 11.43
C GLU E 44 0.54 27.71 10.91
N MSE E 45 -0.05 26.78 11.65
CA MSE E 45 -0.15 25.41 11.18
C MSE E 45 -0.86 25.39 9.81
O MSE E 45 -1.74 26.19 9.55
CB MSE E 45 -0.91 24.52 12.17
CG MSE E 45 -1.06 23.08 11.68
SE MSE E 45 -1.69 21.85 13.08
CE MSE E 45 -3.44 22.73 13.40
N GLU E 46 -0.48 24.47 8.93
CA GLU E 46 -1.10 24.33 7.62
C GLU E 46 -1.49 22.88 7.38
N LEU E 47 -2.76 22.66 7.04
CA LEU E 47 -3.19 21.37 6.53
C LEU E 47 -2.57 21.19 5.16
N VAL E 48 -1.64 20.25 5.05
CA VAL E 48 -0.90 20.04 3.83
C VAL E 48 -1.67 19.14 2.87
N ALA E 49 -2.20 18.03 3.37
CA ALA E 49 -2.99 17.16 2.51
C ALA E 49 -3.97 16.37 3.37
N ALA E 50 -5.03 15.89 2.73
CA ALA E 50 -6.02 15.11 3.46
C ALA E 50 -6.64 14.09 2.54
N ILE E 51 -7.13 12.98 3.12
CA ILE E 51 -7.73 11.91 2.34
C ILE E 51 -8.96 11.40 3.09
N THR E 52 -10.06 11.21 2.38
CA THR E 52 -11.30 10.74 2.97
C THR E 52 -11.14 9.31 3.48
N SER E 53 -12.10 8.88 4.31
CA SER E 53 -12.00 7.56 4.92
C SER E 53 -11.93 6.48 3.85
N SER E 54 -12.71 6.63 2.78
CA SER E 54 -12.77 5.66 1.70
C SER E 54 -11.61 5.77 0.71
N GLY E 55 -10.67 6.70 0.92
CA GLY E 55 -9.62 6.98 -0.03
C GLY E 55 -10.08 7.61 -1.33
N SER E 56 -11.36 7.94 -1.45
CA SER E 56 -11.93 8.35 -2.73
C SER E 56 -11.59 9.80 -3.10
N SER E 57 -11.49 10.71 -2.14
CA SER E 57 -11.13 12.08 -2.45
C SER E 57 -9.90 12.51 -1.67
N THR E 58 -9.14 13.42 -2.26
CA THR E 58 -7.99 14.00 -1.61
C THR E 58 -8.04 15.52 -1.70
N TYR E 59 -7.41 16.16 -0.73
CA TYR E 59 -7.21 17.59 -0.69
C TYR E 59 -5.73 17.91 -0.57
N TYR E 60 -5.30 18.98 -1.25
CA TYR E 60 -3.94 19.48 -1.13
C TYR E 60 -3.91 20.99 -0.99
N ALA E 61 -3.02 21.48 -0.13
CA ALA E 61 -2.69 22.90 -0.14
C ALA E 61 -2.19 23.30 -1.52
N ASP E 62 -2.61 24.50 -1.97
CA ASP E 62 -2.23 24.98 -3.29
C ASP E 62 -0.73 24.81 -3.55
N SER E 63 0.09 25.18 -2.57
CA SER E 63 1.54 25.20 -2.76
C SER E 63 2.19 23.83 -2.93
N VAL E 64 1.47 22.73 -2.66
CA VAL E 64 2.05 21.40 -2.81
C VAL E 64 1.39 20.58 -3.90
N LYS E 65 0.42 21.14 -4.61
CA LYS E 65 -0.28 20.40 -5.66
C LYS E 65 0.72 19.99 -6.74
N GLY E 66 0.59 18.74 -7.19
CA GLY E 66 1.51 18.18 -8.17
C GLY E 66 2.83 17.72 -7.60
N ARG E 67 3.15 18.06 -6.36
CA ARG E 67 4.40 17.68 -5.73
C ARG E 67 4.25 16.63 -4.64
N PHE E 68 3.16 16.72 -3.86
CA PHE E 68 2.86 15.79 -2.78
C PHE E 68 1.69 14.90 -3.18
N THR E 69 1.72 13.66 -2.69
CA THR E 69 0.63 12.70 -2.87
C THR E 69 0.32 12.07 -1.52
N ILE E 70 -0.91 12.18 -1.07
CA ILE E 70 -1.34 11.49 0.15
C ILE E 70 -2.03 10.20 -0.26
N SER E 71 -1.79 9.15 0.52
CA SER E 71 -2.50 7.89 0.30
C SER E 71 -2.67 7.19 1.64
N ARG E 72 -3.51 6.16 1.65
CA ARG E 72 -3.72 5.38 2.86
C ARG E 72 -3.65 3.89 2.53
N ASP E 73 -3.17 3.11 3.50
CA ASP E 73 -3.17 1.64 3.46
C ASP E 73 -3.92 1.15 4.71
N ASN E 74 -5.21 0.84 4.52
CA ASN E 74 -6.02 0.41 5.64
C ASN E 74 -5.57 -0.95 6.19
N ALA E 75 -4.95 -1.80 5.36
CA ALA E 75 -4.41 -3.07 5.83
C ALA E 75 -3.22 -2.89 6.76
N LYS E 76 -2.64 -1.69 6.81
CA LYS E 76 -1.52 -1.38 7.68
C LYS E 76 -1.84 -0.24 8.64
N ASN E 77 -3.10 0.23 8.66
CA ASN E 77 -3.47 1.35 9.52
C ASN E 77 -2.53 2.55 9.31
N THR E 78 -2.17 2.80 8.04
CA THR E 78 -1.11 3.78 7.81
C THR E 78 -1.50 4.79 6.76
N VAL E 79 -1.09 6.04 6.96
CA VAL E 79 -1.22 7.11 5.98
C VAL E 79 0.18 7.47 5.49
N TYR E 80 0.30 7.75 4.19
CA TYR E 80 1.56 8.13 3.58
C TYR E 80 1.45 9.50 2.94
N LEU E 81 2.58 10.21 2.94
CA LEU E 81 2.73 11.46 2.21
C LEU E 81 4.02 11.38 1.39
N GLN E 82 3.87 11.26 0.07
CA GLN E 82 4.99 11.25 -0.86
C GLN E 82 5.29 12.69 -1.25
N MSE E 83 6.49 13.15 -0.96
CA MSE E 83 6.88 14.51 -1.24
C MSE E 83 8.02 14.55 -2.25
O MSE E 83 9.16 14.18 -1.94
CB MSE E 83 7.31 15.22 0.04
CG MSE E 83 6.39 14.93 1.23
SE MSE E 83 6.85 16.00 2.80
CE MSE E 83 8.46 15.10 3.34
N ASN E 84 7.71 15.00 -3.46
CA ASN E 84 8.66 15.18 -4.54
C ASN E 84 8.94 16.66 -4.76
N SER E 85 10.06 16.95 -5.43
CA SER E 85 10.46 18.33 -5.75
C SER E 85 10.38 19.23 -4.52
N LEU E 86 11.01 18.78 -3.43
CA LEU E 86 10.94 19.50 -2.18
C LEU E 86 11.63 20.85 -2.28
N LYS E 87 11.05 21.85 -1.66
CA LYS E 87 11.57 23.20 -1.63
C LYS E 87 11.86 23.62 -0.20
N PRO E 88 12.73 24.60 0.00
CA PRO E 88 12.97 25.10 1.36
C PRO E 88 11.71 25.51 2.10
N GLU E 89 10.70 26.04 1.39
CA GLU E 89 9.42 26.39 1.99
C GLU E 89 8.70 25.18 2.59
N ASP E 90 9.13 23.96 2.28
CA ASP E 90 8.51 22.76 2.84
C ASP E 90 9.09 22.35 4.19
N THR E 91 10.10 23.09 4.69
CA THR E 91 10.74 22.74 5.95
C THR E 91 9.78 22.96 7.12
N ALA E 92 9.66 21.95 7.99
CA ALA E 92 8.73 21.95 9.12
C ALA E 92 8.63 20.59 9.79
N VAL E 93 7.96 20.51 10.93
CA VAL E 93 7.61 19.23 11.53
C VAL E 93 6.25 18.82 10.99
N TYR E 94 6.14 17.59 10.52
CA TYR E 94 4.92 17.10 9.91
C TYR E 94 4.20 16.16 10.87
N TYR E 95 2.89 16.35 10.99
CA TYR E 95 2.06 15.61 11.92
C TYR E 95 0.85 15.04 11.18
N CYS E 96 0.45 13.83 11.54
CA CYS E 96 -0.72 13.20 10.94
C CYS E 96 -1.82 13.05 11.99
N ALA E 97 -3.08 13.15 11.56
CA ALA E 97 -4.16 13.05 12.54
C ALA E 97 -5.49 12.83 11.84
N ALA E 98 -6.46 12.31 12.60
CA ALA E 98 -7.83 12.19 12.10
C ALA E 98 -8.49 13.58 12.08
N LEU E 99 -9.06 13.94 10.93
CA LEU E 99 -9.70 15.25 10.77
C LEU E 99 -10.71 15.55 11.88
N ASP E 100 -11.49 14.54 12.29
CA ASP E 100 -12.54 14.74 13.29
C ASP E 100 -12.00 15.25 14.62
N TYR E 101 -10.74 14.96 14.96
CA TYR E 101 -10.31 15.23 16.34
C TYR E 101 -9.17 16.24 16.43
N VAL E 102 -8.82 16.91 15.34
CA VAL E 102 -7.75 17.91 15.37
C VAL E 102 -8.01 18.99 16.41
N ILE E 103 -9.28 19.37 16.60
CA ILE E 103 -9.64 20.41 17.57
C ILE E 103 -9.33 19.98 19.00
N ASP E 104 -9.30 18.66 19.28
CA ASP E 104 -8.99 18.20 20.62
C ASP E 104 -7.50 18.31 20.97
N GLY E 105 -6.64 18.61 20.01
CA GLY E 105 -5.27 18.98 20.33
C GLY E 105 -4.36 17.87 20.79
N TYR E 106 -4.70 16.63 20.53
CA TYR E 106 -3.83 15.50 20.83
C TYR E 106 -3.10 15.11 19.56
N TRP E 107 -1.78 15.24 19.59
CA TRP E 107 -0.94 15.06 18.43
C TRP E 107 0.14 14.04 18.75
N GLY E 108 0.62 13.35 17.72
CA GLY E 108 1.82 12.56 17.84
C GLY E 108 3.05 13.44 17.90
N GLN E 109 4.21 12.79 17.92
CA GLN E 109 5.50 13.47 17.96
C GLN E 109 5.82 14.16 16.65
N GLY E 110 5.19 13.74 15.55
CA GLY E 110 5.53 14.28 14.24
C GLY E 110 6.89 13.82 13.76
N THR E 111 7.27 14.20 12.54
CA THR E 111 8.55 13.84 11.94
C THR E 111 9.12 15.07 11.24
N GLN E 112 10.39 15.35 11.47
CA GLN E 112 11.01 16.61 11.07
C GLN E 112 11.45 16.54 9.63
N VAL E 113 11.19 17.62 8.88
CA VAL E 113 11.57 17.70 7.47
C VAL E 113 12.37 18.98 7.29
N THR E 114 13.59 18.84 6.80
CA THR E 114 14.45 20.00 6.53
C THR E 114 14.93 19.92 5.09
N VAL E 115 14.67 20.96 4.31
CA VAL E 115 15.03 21.02 2.90
C VAL E 115 16.07 22.13 2.72
N SER E 116 17.28 21.74 2.33
CA SER E 116 18.40 22.66 2.18
C SER E 116 18.38 23.34 0.81
N SER E 117 18.80 24.61 0.79
CA SER E 117 18.86 25.41 -0.44
C SER E 117 20.13 25.12 -1.24
N LYS F 1 -4.37 37.98 4.11
CA LYS F 1 -4.63 36.87 3.20
C LYS F 1 -4.90 35.56 3.96
N ASP F 2 -5.00 35.65 5.29
CA ASP F 2 -5.40 34.51 6.09
C ASP F 2 -6.91 34.31 5.97
N VAL F 3 -7.34 33.07 5.79
CA VAL F 3 -8.75 32.79 5.55
C VAL F 3 -9.35 32.06 6.75
N TYR F 4 -10.67 32.08 6.79
CA TYR F 4 -11.38 31.25 7.73
C TYR F 4 -11.23 29.79 7.32
N LYS F 5 -11.15 28.92 8.32
CA LYS F 5 -10.95 27.49 8.13
C LYS F 5 -11.94 26.74 9.01
N CYS F 6 -12.28 25.51 8.58
CA CYS F 6 -13.07 24.65 9.42
C CYS F 6 -12.44 24.61 10.81
N GLU F 7 -13.24 24.87 11.83
CA GLU F 7 -12.70 24.93 13.17
C GLU F 7 -12.42 23.56 13.75
N ILE F 8 -12.89 22.49 13.11
CA ILE F 8 -12.54 21.15 13.57
C ILE F 8 -11.20 20.70 12.97
N CYS F 9 -11.02 20.81 11.65
CA CYS F 9 -9.84 20.24 11.00
C CYS F 9 -8.92 21.25 10.33
N LYS F 10 -9.29 22.53 10.36
CA LYS F 10 -8.53 23.71 9.86
C LYS F 10 -8.43 23.77 8.32
N MSE F 11 -9.10 22.87 7.58
CA MSE F 11 -9.10 22.96 6.11
C MSE F 11 -9.63 24.33 5.69
O MSE F 11 -10.64 24.79 6.21
CB MSE F 11 -9.94 21.85 5.41
CG MSE F 11 -9.73 21.73 3.88
SE MSE F 11 -11.05 20.40 3.24
CE MSE F 11 -10.85 20.16 1.34
N PRO F 12 -8.93 24.99 4.78
CA PRO F 12 -9.36 26.31 4.32
C PRO F 12 -10.74 26.31 3.68
N PHE F 13 -11.49 27.37 3.95
CA PHE F 13 -12.81 27.58 3.40
C PHE F 13 -12.73 28.69 2.35
N SER F 14 -13.45 28.52 1.25
CA SER F 14 -13.57 29.52 0.21
C SER F 14 -15.00 30.07 0.19
N VAL F 15 -15.29 30.91 -0.82
CA VAL F 15 -16.64 31.48 -0.97
C VAL F 15 -17.68 30.39 -1.24
N TYR F 16 -17.29 29.29 -1.90
CA TYR F 16 -18.25 28.24 -2.22
C TYR F 16 -18.27 27.11 -1.19
N SER F 17 -17.45 27.17 -0.14
CA SER F 17 -17.52 26.15 0.91
C SER F 17 -18.83 26.26 1.67
N THR F 18 -19.43 25.13 2.01
CA THR F 18 -20.56 25.15 2.92
C THR F 18 -20.29 24.20 4.09
N LEU F 19 -20.88 24.52 5.24
CA LEU F 19 -20.77 23.64 6.40
C LEU F 19 -21.26 22.24 6.05
N GLU F 20 -22.42 22.12 5.41
CA GLU F 20 -23.01 20.80 5.13
C GLU F 20 -22.12 19.97 4.20
N LYS F 21 -21.74 20.54 3.04
CA LYS F 21 -20.83 19.85 2.12
C LYS F 21 -19.54 19.43 2.83
N HIS F 22 -18.93 20.36 3.55
CA HIS F 22 -17.65 20.03 4.18
C HIS F 22 -17.80 18.92 5.21
N MSE F 23 -18.86 18.97 6.03
CA MSE F 23 -19.07 17.92 7.06
C MSE F 23 -19.27 16.60 6.37
O MSE F 23 -18.73 15.59 6.80
CB MSE F 23 -20.28 18.18 7.97
CG MSE F 23 -20.33 19.50 8.66
SE MSE F 23 -18.59 20.03 9.29
CE MSE F 23 -18.54 18.81 10.66
N LYS F 24 -20.06 16.62 5.30
CA LYS F 24 -20.42 15.38 4.63
C LYS F 24 -19.19 14.72 4.03
N LYS F 25 -18.35 15.51 3.36
CA LYS F 25 -17.22 14.93 2.64
C LYS F 25 -16.09 14.54 3.59
N TRP F 26 -15.82 15.33 4.61
CA TRP F 26 -14.57 15.20 5.33
C TRP F 26 -14.70 14.72 6.76
N HIS F 27 -15.89 14.73 7.36
CA HIS F 27 -16.01 14.35 8.76
C HIS F 27 -16.90 13.12 8.92
N SER F 28 -16.69 12.39 10.01
CA SER F 28 -17.38 11.13 10.26
C SER F 28 -18.25 11.18 11.51
N ASP F 29 -17.68 11.60 12.63
CA ASP F 29 -18.37 11.61 13.91
C ASP F 29 -19.05 12.96 14.21
N ARG F 30 -18.93 13.96 13.34
CA ARG F 30 -19.53 15.28 13.60
C ARG F 30 -20.42 15.72 12.44
N ARG G 1 1.58 12.76 -38.48
CA ARG G 1 2.53 13.34 -37.53
C ARG G 1 2.37 12.66 -36.17
N VAL G 2 1.14 12.35 -35.77
CA VAL G 2 0.83 11.84 -34.43
C VAL G 2 0.54 10.35 -34.51
N GLN G 3 1.00 9.61 -33.50
CA GLN G 3 0.74 8.18 -33.43
C GLN G 3 0.52 7.79 -31.98
N LEU G 4 -0.58 7.09 -31.71
CA LEU G 4 -1.02 6.71 -30.37
C LEU G 4 -1.37 5.24 -30.37
N VAL G 5 -0.66 4.45 -29.58
CA VAL G 5 -0.84 2.99 -29.57
C VAL G 5 -1.36 2.61 -28.19
N GLU G 6 -2.63 2.25 -28.12
CA GLU G 6 -3.26 1.90 -26.87
C GLU G 6 -3.28 0.39 -26.66
N SER G 7 -3.16 -0.01 -25.40
CA SER G 7 -3.23 -1.42 -25.08
C SER G 7 -3.64 -1.57 -23.61
N GLY G 8 -3.89 -2.82 -23.23
CA GLY G 8 -4.22 -3.15 -21.85
C GLY G 8 -5.67 -3.45 -21.61
N GLY G 9 -6.53 -3.32 -22.61
CA GLY G 9 -7.93 -3.61 -22.44
C GLY G 9 -8.16 -5.10 -22.33
N GLY G 10 -9.41 -5.47 -22.09
CA GLY G 10 -9.76 -6.88 -22.06
C GLY G 10 -11.11 -7.05 -21.39
N LEU G 11 -11.32 -8.25 -20.88
CA LEU G 11 -12.58 -8.64 -20.25
C LEU G 11 -12.32 -8.97 -18.78
N VAL G 12 -13.08 -8.32 -17.90
CA VAL G 12 -12.96 -8.57 -16.45
C VAL G 12 -14.36 -8.66 -15.87
N GLN G 13 -14.42 -9.11 -14.63
CA GLN G 13 -15.67 -9.17 -13.88
C GLN G 13 -15.86 -7.89 -13.07
N ALA G 14 -17.13 -7.56 -12.81
CA ALA G 14 -17.47 -6.47 -11.91
C ALA G 14 -16.62 -6.53 -10.65
N GLY G 15 -15.82 -5.50 -10.42
CA GLY G 15 -14.93 -5.44 -9.29
C GLY G 15 -13.46 -5.57 -9.63
N GLY G 16 -13.12 -5.94 -10.86
CA GLY G 16 -11.75 -6.19 -11.26
C GLY G 16 -11.00 -4.92 -11.57
N SER G 17 -9.78 -5.08 -12.09
CA SER G 17 -8.96 -3.95 -12.47
C SER G 17 -8.32 -4.20 -13.83
N LEU G 18 -7.97 -3.10 -14.50
CA LEU G 18 -7.20 -3.13 -15.73
C LEU G 18 -6.28 -1.94 -15.71
N ARG G 19 -5.13 -2.07 -16.33
CA ARG G 19 -4.24 -0.93 -16.52
C ARG G 19 -4.14 -0.66 -18.02
N LEU G 20 -4.65 0.47 -18.48
CA LEU G 20 -4.50 0.86 -19.87
C LEU G 20 -3.21 1.65 -20.03
N SER G 21 -2.56 1.48 -21.17
CA SER G 21 -1.37 2.20 -21.56
C SER G 21 -1.55 2.78 -22.96
N CYS G 22 -0.90 3.91 -23.18
CA CYS G 22 -0.82 4.53 -24.50
C CYS G 22 0.61 4.96 -24.70
N ALA G 23 1.23 4.42 -25.75
CA ALA G 23 2.55 4.82 -26.21
C ALA G 23 2.38 5.85 -27.32
N ALA G 24 3.03 7.00 -27.17
CA ALA G 24 2.81 8.16 -28.01
C ALA G 24 4.08 8.51 -28.76
N SER G 25 3.94 9.02 -29.98
CA SER G 25 5.10 9.46 -30.73
C SER G 25 4.67 10.40 -31.84
N GLY G 26 5.65 11.14 -32.35
CA GLY G 26 5.43 12.05 -33.46
C GLY G 26 5.09 13.47 -33.06
N PHE G 27 5.10 13.78 -31.78
CA PHE G 27 4.89 15.14 -31.31
C PHE G 27 5.67 15.30 -30.02
N ILE G 28 5.80 16.54 -29.55
CA ILE G 28 6.54 16.77 -28.31
C ILE G 28 5.63 16.44 -27.14
N PHE G 29 5.68 15.18 -26.70
CA PHE G 29 4.77 14.64 -25.69
C PHE G 29 4.65 15.55 -24.47
N ASP G 30 5.78 15.99 -23.92
CA ASP G 30 5.78 16.73 -22.66
C ASP G 30 5.09 18.09 -22.79
N SER G 31 4.74 18.53 -23.98
CA SER G 31 4.13 19.83 -24.17
C SER G 31 2.61 19.82 -24.06
N TYR G 32 1.97 18.66 -24.03
CA TYR G 32 0.52 18.61 -24.17
C TYR G 32 -0.15 17.86 -23.03
N ALA G 33 -1.30 18.37 -22.60
CA ALA G 33 -2.20 17.60 -21.75
C ALA G 33 -2.76 16.42 -22.52
N MSE G 34 -2.96 15.31 -21.82
CA MSE G 34 -3.43 14.09 -22.43
C MSE G 34 -4.74 13.66 -21.78
O MSE G 34 -4.95 13.92 -20.59
CB MSE G 34 -2.40 12.97 -22.32
CG MSE G 34 -1.04 13.31 -22.90
SE MSE G 34 -1.11 13.32 -24.85
CE MSE G 34 0.10 14.76 -25.13
N GLY G 35 -5.60 13.00 -22.54
CA GLY G 35 -6.87 12.54 -22.00
C GLY G 35 -7.17 11.12 -22.44
N TRP G 36 -7.85 10.40 -21.56
CA TRP G 36 -8.51 9.13 -21.88
C TRP G 36 -10.00 9.38 -22.03
N TYR G 37 -10.53 8.94 -23.18
CA TYR G 37 -11.91 9.05 -23.61
C TYR G 37 -12.44 7.63 -23.79
N ARG G 38 -13.73 7.46 -23.57
CA ARG G 38 -14.35 6.17 -23.83
C ARG G 38 -15.54 6.37 -24.75
N GLN G 39 -15.70 5.41 -25.66
CA GLN G 39 -16.76 5.43 -26.65
C GLN G 39 -17.43 4.07 -26.55
N ALA G 40 -18.70 4.05 -26.03
CA ALA G 40 -19.57 2.89 -26.07
C ALA G 40 -20.48 2.98 -27.27
N PRO G 41 -20.90 1.85 -27.85
CA PRO G 41 -21.75 1.90 -29.05
C PRO G 41 -23.09 2.55 -28.77
N GLY G 42 -23.47 3.49 -29.62
CA GLY G 42 -24.73 4.20 -29.50
C GLY G 42 -24.76 5.32 -28.47
N LYS G 43 -23.67 5.58 -27.76
CA LYS G 43 -23.67 6.57 -26.69
C LYS G 43 -22.70 7.71 -26.99
N GLU G 44 -22.84 8.78 -26.25
CA GLU G 44 -21.96 9.96 -26.38
C GLU G 44 -20.57 9.54 -25.91
N MSE G 45 -19.51 9.97 -26.61
CA MSE G 45 -18.15 9.82 -26.14
C MSE G 45 -18.00 10.59 -24.83
O MSE G 45 -18.61 11.65 -24.67
CB MSE G 45 -17.13 10.34 -27.17
CG MSE G 45 -15.70 10.35 -26.65
SE MSE G 45 -14.31 10.80 -27.94
CE MSE G 45 -13.82 9.00 -28.45
N GLU G 46 -17.23 10.06 -23.90
CA GLU G 46 -17.03 10.71 -22.60
C GLU G 46 -15.54 10.87 -22.35
N LEU G 47 -15.11 12.07 -21.96
CA LEU G 47 -13.77 12.26 -21.44
C LEU G 47 -13.71 11.66 -20.03
N VAL G 48 -12.88 10.63 -19.88
CA VAL G 48 -12.84 9.85 -18.66
C VAL G 48 -11.87 10.47 -17.68
N ALA G 49 -10.69 10.82 -18.16
CA ALA G 49 -9.70 11.44 -17.29
C ALA G 49 -8.72 12.23 -18.14
N ALA G 50 -8.09 13.21 -17.52
CA ALA G 50 -7.14 14.04 -18.24
C ALA G 50 -6.05 14.47 -17.26
N ILE G 51 -4.87 14.73 -17.81
CA ILE G 51 -3.71 15.08 -17.01
C ILE G 51 -2.93 16.16 -17.76
N THR G 52 -2.56 17.22 -17.04
CA THR G 52 -1.86 18.33 -17.66
C THR G 52 -0.46 17.88 -18.11
N SER G 53 0.20 18.75 -18.89
CA SER G 53 1.46 18.37 -19.52
C SER G 53 2.49 17.90 -18.48
N SER G 54 2.52 18.53 -17.30
CA SER G 54 3.49 18.19 -16.27
C SER G 54 3.03 17.08 -15.35
N GLY G 55 1.75 16.75 -15.34
CA GLY G 55 1.18 15.85 -14.36
C GLY G 55 0.65 16.54 -13.12
N SER G 56 0.79 17.87 -13.02
CA SER G 56 0.47 18.56 -11.78
C SER G 56 -1.02 18.62 -11.49
N SER G 57 -1.86 18.48 -12.51
CA SER G 57 -3.30 18.56 -12.31
C SER G 57 -4.00 17.46 -13.10
N THR G 58 -5.08 16.93 -12.52
CA THR G 58 -5.83 15.86 -13.16
C THR G 58 -7.33 16.16 -13.10
N TYR G 59 -8.04 15.65 -14.10
CA TYR G 59 -9.48 15.75 -14.20
C TYR G 59 -10.06 14.35 -14.30
N TYR G 60 -11.21 14.13 -13.69
CA TYR G 60 -11.90 12.85 -13.75
C TYR G 60 -13.40 13.09 -13.95
N ALA G 61 -14.03 12.29 -14.80
CA ALA G 61 -15.48 12.27 -14.79
C ALA G 61 -15.95 11.84 -13.39
N ASP G 62 -17.05 12.47 -12.93
CA ASP G 62 -17.55 12.20 -11.59
C ASP G 62 -17.72 10.71 -11.33
N SER G 63 -18.24 9.97 -12.31
CA SER G 63 -18.58 8.57 -12.13
C SER G 63 -17.37 7.67 -11.93
N VAL G 64 -16.16 8.14 -12.21
CA VAL G 64 -14.98 7.30 -12.07
C VAL G 64 -14.06 7.80 -10.97
N LYS G 65 -14.38 8.92 -10.33
CA LYS G 65 -13.55 9.43 -9.24
C LYS G 65 -13.37 8.37 -8.18
N GLY G 66 -12.13 8.27 -7.67
CA GLY G 66 -11.81 7.29 -6.66
C GLY G 66 -11.56 5.89 -7.17
N ARG G 67 -12.01 5.58 -8.39
CA ARG G 67 -11.75 4.30 -9.01
C ARG G 67 -10.67 4.36 -10.07
N PHE G 68 -10.63 5.41 -10.90
CA PHE G 68 -9.65 5.53 -11.96
C PHE G 68 -8.53 6.47 -11.53
N THR G 69 -7.32 6.18 -11.99
CA THR G 69 -6.17 7.05 -11.76
C THR G 69 -5.43 7.20 -13.06
N ILE G 70 -5.22 8.45 -13.49
CA ILE G 70 -4.47 8.72 -14.71
C ILE G 70 -3.07 9.17 -14.31
N SER G 71 -2.08 8.77 -15.11
CA SER G 71 -0.71 9.19 -14.87
C SER G 71 0.01 9.22 -16.21
N ARG G 72 1.20 9.79 -16.21
CA ARG G 72 2.00 9.85 -17.41
C ARG G 72 3.46 9.74 -17.03
N ASP G 73 4.26 9.25 -17.99
CA ASP G 73 5.70 9.19 -17.88
C ASP G 73 6.30 9.87 -19.11
N ASN G 74 6.77 11.11 -18.92
CA ASN G 74 7.30 11.93 -20.01
C ASN G 74 8.65 11.42 -20.49
N ALA G 75 9.38 10.68 -19.66
CA ALA G 75 10.61 10.04 -20.11
C ALA G 75 10.33 8.93 -21.09
N LYS G 76 9.20 8.23 -20.94
CA LYS G 76 8.85 7.12 -21.80
C LYS G 76 7.78 7.46 -22.82
N ASN G 77 7.24 8.68 -22.78
CA ASN G 77 6.16 9.11 -23.68
C ASN G 77 4.92 8.22 -23.52
N THR G 78 4.52 7.99 -22.28
CA THR G 78 3.43 7.05 -22.03
C THR G 78 2.38 7.68 -21.14
N VAL G 79 1.11 7.34 -21.40
CA VAL G 79 0.00 7.69 -20.51
C VAL G 79 -0.64 6.40 -20.01
N TYR G 80 -1.01 6.37 -18.73
CA TYR G 80 -1.63 5.21 -18.10
C TYR G 80 -2.97 5.59 -17.49
N LEU G 81 -3.89 4.64 -17.52
CA LEU G 81 -5.17 4.72 -16.83
C LEU G 81 -5.33 3.45 -15.99
N GLN G 82 -5.15 3.58 -14.68
CA GLN G 82 -5.39 2.48 -13.75
C GLN G 82 -6.87 2.47 -13.39
N MSE G 83 -7.58 1.41 -13.79
CA MSE G 83 -9.00 1.29 -13.54
C MSE G 83 -9.24 0.18 -12.53
O MSE G 83 -9.11 -0.99 -12.85
CB MSE G 83 -9.74 0.99 -14.84
CG MSE G 83 -9.54 2.03 -15.94
SE MSE G 83 -10.56 1.56 -17.55
CE MSE G 83 -9.64 -0.04 -18.00
N ASN G 84 -9.58 0.58 -11.30
CA ASN G 84 -9.93 -0.34 -10.24
C ASN G 84 -11.44 -0.32 -10.02
N SER G 85 -11.93 -1.35 -9.34
CA SER G 85 -13.35 -1.48 -9.00
C SER G 85 -14.24 -1.25 -10.22
N LEU G 86 -13.87 -1.90 -11.33
CA LEU G 86 -14.61 -1.72 -12.58
C LEU G 86 -16.06 -2.14 -12.41
N LYS G 87 -16.94 -1.52 -13.19
CA LYS G 87 -18.37 -1.74 -13.17
C LYS G 87 -18.84 -1.93 -14.62
N PRO G 88 -19.96 -2.61 -14.81
CA PRO G 88 -20.53 -2.73 -16.18
C PRO G 88 -20.64 -1.42 -16.94
N GLU G 89 -20.97 -0.32 -16.27
CA GLU G 89 -21.10 0.96 -16.95
C GLU G 89 -19.79 1.42 -17.58
N ASP G 90 -18.66 0.84 -17.18
CA ASP G 90 -17.36 1.21 -17.73
C ASP G 90 -17.07 0.55 -19.07
N THR G 91 -17.96 -0.31 -19.57
CA THR G 91 -17.71 -1.04 -20.80
C THR G 91 -17.72 -0.08 -21.98
N ALA G 92 -16.64 -0.12 -22.78
CA ALA G 92 -16.49 0.82 -23.90
C ALA G 92 -15.14 0.54 -24.55
N VAL G 93 -14.89 1.19 -25.70
CA VAL G 93 -13.55 1.25 -26.27
C VAL G 93 -12.89 2.52 -25.77
N TYR G 94 -11.64 2.41 -25.30
CA TYR G 94 -10.94 3.52 -24.69
C TYR G 94 -9.86 4.03 -25.62
N TYR G 95 -9.78 5.34 -25.76
CA TYR G 95 -8.85 6.01 -26.66
C TYR G 95 -8.14 7.09 -25.88
N CYS G 96 -6.87 7.28 -26.19
CA CYS G 96 -6.05 8.31 -25.56
C CYS G 96 -5.68 9.34 -26.62
N ALA G 97 -5.49 10.60 -26.18
CA ALA G 97 -5.31 11.66 -27.16
C ALA G 97 -4.75 12.91 -26.49
N ALA G 98 -4.02 13.70 -27.26
CA ALA G 98 -3.69 15.04 -26.80
C ALA G 98 -4.95 15.90 -26.84
N LEU G 99 -5.22 16.61 -25.74
CA LEU G 99 -6.44 17.38 -25.65
C LEU G 99 -6.58 18.37 -26.83
N ASP G 100 -5.49 19.08 -27.14
CA ASP G 100 -5.55 20.13 -28.16
C ASP G 100 -6.09 19.61 -29.48
N TYR G 101 -5.94 18.33 -29.76
CA TYR G 101 -6.22 17.81 -31.09
C TYR G 101 -7.42 16.88 -31.14
N VAL G 102 -8.19 16.77 -30.05
CA VAL G 102 -9.36 15.90 -30.10
C VAL G 102 -10.30 16.32 -31.24
N ILE G 103 -10.43 17.63 -31.47
CA ILE G 103 -11.32 18.16 -32.50
C ILE G 103 -10.85 17.80 -33.91
N ASP G 104 -9.54 17.51 -34.09
CA ASP G 104 -9.02 17.13 -35.41
C ASP G 104 -9.56 15.79 -35.91
N GLY G 105 -10.09 14.94 -35.02
CA GLY G 105 -10.72 13.70 -35.44
C GLY G 105 -9.80 12.55 -35.77
N TYR G 106 -8.49 12.68 -35.56
CA TYR G 106 -7.56 11.57 -35.74
C TYR G 106 -7.36 10.84 -34.41
N TRP G 107 -7.63 9.52 -34.41
CA TRP G 107 -7.54 8.71 -33.21
C TRP G 107 -6.74 7.45 -33.47
N GLY G 108 -6.14 6.90 -32.41
CA GLY G 108 -5.58 5.58 -32.47
C GLY G 108 -6.69 4.53 -32.56
N GLN G 109 -6.29 3.27 -32.42
CA GLN G 109 -7.26 2.19 -32.49
C GLN G 109 -8.07 2.06 -31.21
N GLY G 110 -7.57 2.58 -30.09
CA GLY G 110 -8.22 2.36 -28.82
C GLY G 110 -8.00 0.93 -28.35
N THR G 111 -8.59 0.62 -27.20
CA THR G 111 -8.46 -0.70 -26.61
C THR G 111 -9.80 -1.04 -25.96
N GLN G 112 -10.34 -2.21 -26.27
CA GLN G 112 -11.68 -2.58 -25.82
C GLN G 112 -11.64 -2.95 -24.34
N VAL G 113 -12.68 -2.55 -23.61
CA VAL G 113 -12.83 -2.90 -22.20
C VAL G 113 -14.25 -3.38 -22.00
N THR G 114 -14.39 -4.62 -21.50
CA THR G 114 -15.70 -5.17 -21.18
C THR G 114 -15.70 -5.63 -19.73
N VAL G 115 -16.71 -5.21 -18.98
CA VAL G 115 -16.85 -5.56 -17.57
C VAL G 115 -18.15 -6.35 -17.44
N SER G 116 -18.02 -7.66 -17.23
CA SER G 116 -19.18 -8.53 -17.09
C SER G 116 -19.92 -8.22 -15.80
N SER G 117 -21.24 -8.28 -15.87
CA SER G 117 -22.12 -7.86 -14.78
C SER G 117 -21.83 -8.57 -13.46
N ASP H 2 -25.50 16.19 -20.28
CA ASP H 2 -26.35 17.12 -21.02
C ASP H 2 -25.88 18.57 -20.92
N VAL H 3 -24.65 18.78 -20.46
CA VAL H 3 -24.08 20.11 -20.31
C VAL H 3 -23.24 20.45 -21.53
N TYR H 4 -22.97 21.75 -21.69
CA TYR H 4 -22.01 22.21 -22.68
C TYR H 4 -20.61 21.77 -22.28
N LYS H 5 -19.80 21.45 -23.30
CA LYS H 5 -18.44 20.97 -23.08
C LYS H 5 -17.48 21.76 -23.95
N CYS H 6 -16.23 21.90 -23.50
CA CYS H 6 -15.20 22.50 -24.35
C CYS H 6 -15.26 21.85 -25.72
N GLU H 7 -15.31 22.69 -26.76
CA GLU H 7 -15.45 22.20 -28.12
C GLU H 7 -14.15 21.66 -28.69
N ILE H 8 -13.06 21.72 -27.93
CA ILE H 8 -11.77 21.20 -28.39
C ILE H 8 -11.58 19.80 -27.79
N CYS H 9 -11.66 19.69 -26.46
CA CYS H 9 -11.30 18.47 -25.76
C CYS H 9 -12.49 17.77 -25.10
N LYS H 10 -13.69 18.36 -25.14
CA LYS H 10 -14.95 17.81 -24.62
C LYS H 10 -15.00 17.71 -23.10
N MSE H 11 -14.10 18.37 -22.39
CA MSE H 11 -14.26 18.43 -20.94
C MSE H 11 -15.52 19.22 -20.61
O MSE H 11 -15.75 20.26 -21.20
CB MSE H 11 -13.04 19.07 -20.28
CG MSE H 11 -13.11 19.12 -18.75
SE MSE H 11 -11.50 19.95 -18.06
CE MSE H 11 -10.23 18.59 -18.63
N PRO H 12 -16.34 18.72 -19.69
CA PRO H 12 -17.60 19.41 -19.38
C PRO H 12 -17.35 20.75 -18.70
N PHE H 13 -18.21 21.73 -19.01
CA PHE H 13 -18.20 23.02 -18.34
C PHE H 13 -19.32 23.12 -17.31
N SER H 14 -19.03 23.81 -16.21
CA SER H 14 -20.00 24.20 -15.20
C SER H 14 -20.18 25.72 -15.22
N VAL H 15 -21.05 26.21 -14.34
CA VAL H 15 -21.29 27.65 -14.23
C VAL H 15 -20.01 28.41 -13.87
N TYR H 16 -19.04 27.76 -13.22
CA TYR H 16 -17.80 28.42 -12.81
C TYR H 16 -16.71 28.34 -13.86
N SER H 17 -16.88 27.57 -14.93
CA SER H 17 -15.87 27.48 -15.97
C SER H 17 -15.79 28.79 -16.74
N THR H 18 -14.57 29.13 -17.17
CA THR H 18 -14.37 30.19 -18.16
C THR H 18 -13.43 29.69 -19.25
N LEU H 19 -13.65 30.19 -20.47
CA LEU H 19 -12.79 29.81 -21.58
C LEU H 19 -11.33 30.08 -21.28
N GLU H 20 -11.04 31.25 -20.72
CA GLU H 20 -9.66 31.63 -20.46
C GLU H 20 -8.99 30.69 -19.47
N LYS H 21 -9.64 30.41 -18.33
CA LYS H 21 -9.06 29.51 -17.33
C LYS H 21 -8.88 28.11 -17.91
N HIS H 22 -9.90 27.59 -18.61
CA HIS H 22 -9.80 26.25 -19.18
C HIS H 22 -8.65 26.16 -20.17
N MSE H 23 -8.56 27.12 -21.10
CA MSE H 23 -7.49 27.18 -22.11
C MSE H 23 -6.11 27.24 -21.47
O MSE H 23 -5.19 26.60 -21.94
CB MSE H 23 -7.67 28.39 -23.04
CG MSE H 23 -8.89 28.38 -23.95
SE MSE H 23 -9.03 26.84 -25.14
CE MSE H 23 -7.51 27.14 -26.36
N LYS H 24 -6.00 28.06 -20.41
CA LYS H 24 -4.72 28.19 -19.73
C LYS H 24 -4.29 26.88 -19.08
N LYS H 25 -5.24 26.19 -18.44
CA LYS H 25 -4.89 24.99 -17.69
C LYS H 25 -4.65 23.79 -18.59
N TRP H 26 -5.48 23.60 -19.62
CA TRP H 26 -5.56 22.33 -20.33
C TRP H 26 -5.12 22.40 -21.78
N HIS H 27 -4.86 23.61 -22.30
CA HIS H 27 -4.42 23.76 -23.71
C HIS H 27 -3.16 24.63 -23.77
N SER H 28 -2.47 24.63 -24.92
CA SER H 28 -1.22 25.43 -25.09
C SER H 28 -1.55 26.75 -25.80
N ASP H 29 -0.95 27.85 -25.32
CA ASP H 29 -1.19 29.20 -25.92
C ASP H 29 -0.91 29.13 -27.42
MG MG I . -5.96 -16.11 -15.42
ZN ZN J . 4.56 -25.04 -8.42
ZN ZN K . 9.83 -21.53 23.21
MG MG L . -6.46 21.21 -9.09
MG MG M . 5.68 1.75 5.99
ZN ZN N . -13.26 19.99 8.80
MG MG O . -13.14 15.66 -5.77
ZN ZN P . -10.59 21.84 -23.70
#